data_1TO4
#
_entry.id   1TO4
#
_cell.length_a   39.27
_cell.length_b   95.08
_cell.length_c   78.41
_cell.angle_alpha   90.00
_cell.angle_beta   103.55
_cell.angle_gamma   90.00
#
_symmetry.space_group_name_H-M   'P 1 21 1'
#
loop_
_entity.id
_entity.type
_entity.pdbx_description
1 polymer 'Superoxide dismutase'
2 non-polymer 'COPPER (II) ION'
3 non-polymer 'ZINC ION'
4 water water
#
_entity_poly.entity_id   1
_entity_poly.type   'polypeptide(L)'
_entity_poly.pdbx_seq_one_letter_code
;GSNMKAVCVMTGTAGVKGVVKFTQETDNGPVHVHAEFSGLKAGKHGFHVHEFGDTTNGCTSAGAHFNPTKQEHGAPEDSI
RHVGDLGNVVAGADGNAVYNATDKLISLNGSHSIIGRSMVIHENEDDLGRGGHELSKVTGNAGGRLACGVVGLAAE
;
_entity_poly.pdbx_strand_id   A,B,C,D
#
loop_
_chem_comp.id
_chem_comp.type
_chem_comp.name
_chem_comp.formula
CU non-polymer 'COPPER (II) ION' 'Cu 2'
ZN non-polymer 'ZINC ION' 'Zn 2'
#
# COMPACT_ATOMS: atom_id res chain seq x y z
N GLY A 1 -40.28 3.92 -34.03
CA GLY A 1 -39.98 2.55 -34.60
C GLY A 1 -38.52 2.18 -34.38
N SER A 2 -38.14 0.96 -34.78
CA SER A 2 -36.78 0.48 -34.55
C SER A 2 -35.84 1.22 -35.48
N ASN A 3 -34.58 1.30 -35.07
CA ASN A 3 -33.55 1.95 -35.87
C ASN A 3 -33.09 1.02 -36.98
N MET A 4 -32.96 1.56 -38.20
CA MET A 4 -32.56 0.74 -39.35
C MET A 4 -31.30 1.24 -40.03
N LYS A 5 -30.87 2.46 -39.69
CA LYS A 5 -29.67 3.02 -40.31
C LYS A 5 -28.92 3.86 -39.32
N ALA A 6 -27.59 3.83 -39.43
CA ALA A 6 -26.73 4.62 -38.56
C ALA A 6 -25.49 5.05 -39.31
N VAL A 7 -24.82 6.10 -38.82
CA VAL A 7 -23.63 6.60 -39.46
C VAL A 7 -22.63 7.07 -38.44
N CYS A 8 -21.36 6.95 -38.77
CA CYS A 8 -20.30 7.38 -37.88
C CYS A 8 -19.18 8.04 -38.66
N VAL A 9 -18.93 9.32 -38.37
CA VAL A 9 -17.86 10.09 -39.01
C VAL A 9 -16.67 10.00 -38.05
N MET A 10 -15.59 9.42 -38.55
CA MET A 10 -14.40 9.23 -37.71
C MET A 10 -13.29 10.21 -38.02
N THR A 11 -12.80 10.86 -36.97
CA THR A 11 -11.73 11.85 -37.14
C THR A 11 -10.76 11.77 -36.01
N GLY A 12 -9.66 12.51 -36.15
CA GLY A 12 -8.64 12.53 -35.13
C GLY A 12 -7.59 13.52 -35.50
N THR A 13 -6.44 13.42 -34.83
CA THR A 13 -5.32 14.34 -35.10
C THR A 13 -4.14 13.61 -35.67
N ALA A 14 -4.38 12.44 -36.25
CA ALA A 14 -3.33 11.62 -36.82
C ALA A 14 -3.39 11.53 -38.35
N GLY A 15 -4.14 12.43 -38.96
CA GLY A 15 -4.25 12.45 -40.42
C GLY A 15 -5.17 11.41 -40.99
N VAL A 16 -5.84 10.69 -40.11
CA VAL A 16 -6.78 9.64 -40.52
C VAL A 16 -8.23 10.07 -40.35
N LYS A 17 -9.05 9.76 -41.36
CA LYS A 17 -10.47 10.07 -41.30
C LYS A 17 -11.24 9.01 -42.04
N GLY A 18 -12.51 8.85 -41.71
CA GLY A 18 -13.33 7.91 -42.42
C GLY A 18 -14.79 8.07 -42.08
N VAL A 19 -15.60 7.22 -42.69
CA VAL A 19 -17.03 7.22 -42.46
C VAL A 19 -17.51 5.79 -42.45
N VAL A 20 -18.35 5.44 -41.47
CA VAL A 20 -18.90 4.11 -41.36
C VAL A 20 -20.42 4.23 -41.46
N LYS A 21 -21.02 3.32 -42.22
CA LYS A 21 -22.46 3.29 -42.35
C LYS A 21 -22.95 1.93 -41.92
N PHE A 22 -24.09 1.90 -41.24
CA PHE A 22 -24.66 0.65 -40.75
C PHE A 22 -26.11 0.55 -41.17
N THR A 23 -26.52 -0.67 -41.53
CA THR A 23 -27.95 -0.91 -41.86
C THR A 23 -28.39 -2.15 -41.14
N GLN A 24 -29.63 -2.16 -40.68
CA GLN A 24 -30.19 -3.32 -39.97
C GLN A 24 -31.68 -3.44 -40.36
N GLU A 25 -32.06 -4.58 -40.91
CA GLU A 25 -33.45 -4.78 -41.38
C GLU A 25 -34.47 -5.02 -40.30
N THR A 26 -34.09 -5.80 -39.28
CA THR A 26 -34.99 -6.09 -38.16
C THR A 26 -34.33 -5.73 -36.84
N ASP A 27 -35.14 -5.59 -35.81
CA ASP A 27 -34.69 -5.16 -34.51
C ASP A 27 -33.43 -5.86 -33.98
N ASN A 28 -33.36 -7.18 -34.12
CA ASN A 28 -32.22 -7.95 -33.63
C ASN A 28 -31.53 -8.75 -34.73
N GLY A 29 -31.76 -8.37 -35.98
CA GLY A 29 -31.15 -9.07 -37.10
C GLY A 29 -29.71 -8.62 -37.34
N PRO A 30 -29.03 -9.24 -38.31
CA PRO A 30 -27.63 -8.85 -38.59
C PRO A 30 -27.52 -7.38 -39.07
N VAL A 31 -26.35 -6.81 -38.81
CA VAL A 31 -26.08 -5.44 -39.20
C VAL A 31 -25.03 -5.41 -40.29
N HIS A 32 -25.32 -4.72 -41.39
CA HIS A 32 -24.35 -4.60 -42.46
C HIS A 32 -23.50 -3.39 -42.17
N VAL A 33 -22.20 -3.56 -42.24
CA VAL A 33 -21.26 -2.48 -41.96
C VAL A 33 -20.41 -2.17 -43.20
N HIS A 34 -20.32 -0.90 -43.54
CA HIS A 34 -19.49 -0.45 -44.66
C HIS A 34 -18.69 0.74 -44.19
N ALA A 35 -17.37 0.68 -44.32
CA ALA A 35 -16.54 1.80 -43.89
C ALA A 35 -15.48 2.13 -44.92
N GLU A 36 -15.13 3.41 -44.98
CA GLU A 36 -14.11 3.93 -45.88
C GLU A 36 -13.18 4.83 -45.10
N PHE A 37 -11.87 4.68 -45.30
CA PHE A 37 -10.89 5.49 -44.59
C PHE A 37 -9.82 6.00 -45.52
N SER A 38 -9.17 7.06 -45.08
CA SER A 38 -8.04 7.65 -45.80
C SER A 38 -6.97 8.02 -44.77
N GLY A 39 -5.72 8.12 -45.24
CA GLY A 39 -4.60 8.51 -44.38
C GLY A 39 -3.94 7.45 -43.54
N LEU A 40 -4.31 6.21 -43.77
CA LEU A 40 -3.78 5.10 -43.00
C LEU A 40 -2.45 4.56 -43.47
N LYS A 41 -1.67 4.05 -42.54
CA LYS A 41 -0.43 3.39 -42.88
C LYS A 41 -0.85 2.04 -43.50
N ALA A 42 -0.15 1.61 -44.55
CA ALA A 42 -0.48 0.37 -45.20
C ALA A 42 -0.48 -0.77 -44.20
N GLY A 43 -1.48 -1.64 -44.31
CA GLY A 43 -1.58 -2.78 -43.41
C GLY A 43 -2.90 -2.82 -42.68
N LYS A 44 -2.97 -3.69 -41.67
CA LYS A 44 -4.21 -3.90 -40.88
C LYS A 44 -4.30 -3.02 -39.65
N HIS A 45 -5.55 -2.58 -39.36
CA HIS A 45 -5.82 -1.69 -38.23
C HIS A 45 -7.04 -2.17 -37.46
N GLY A 46 -6.88 -2.35 -36.16
CA GLY A 46 -7.99 -2.80 -35.30
C GLY A 46 -9.19 -1.87 -35.43
N PHE A 47 -10.37 -2.45 -35.40
CA PHE A 47 -11.60 -1.68 -35.60
C PHE A 47 -12.65 -2.19 -34.68
N HIS A 48 -13.04 -1.35 -33.69
CA HIS A 48 -14.04 -1.82 -32.71
C HIS A 48 -15.02 -0.78 -32.25
N VAL A 49 -16.12 -1.25 -31.66
CA VAL A 49 -17.07 -0.36 -31.04
C VAL A 49 -16.60 -0.24 -29.60
N HIS A 50 -16.35 1.00 -29.18
CA HIS A 50 -15.97 1.29 -27.78
C HIS A 50 -17.22 1.71 -27.03
N GLU A 51 -17.20 1.51 -25.72
CA GLU A 51 -18.37 1.73 -24.89
C GLU A 51 -19.01 3.12 -24.83
N PHE A 52 -18.19 4.18 -24.77
CA PHE A 52 -18.77 5.50 -24.62
C PHE A 52 -18.66 6.30 -25.87
N GLY A 53 -19.74 7.05 -26.20
CA GLY A 53 -19.74 7.91 -27.38
C GLY A 53 -19.15 9.27 -27.01
N ASP A 54 -18.09 9.26 -26.20
CA ASP A 54 -17.45 10.48 -25.69
C ASP A 54 -16.09 10.67 -26.33
N THR A 55 -15.96 11.76 -27.11
CA THR A 55 -14.70 12.09 -27.77
C THR A 55 -14.17 13.46 -27.29
N THR A 56 -14.49 13.84 -26.05
CA THR A 56 -13.99 15.13 -25.50
C THR A 56 -12.46 15.12 -25.23
N ASN A 57 -11.90 13.92 -25.06
CA ASN A 57 -10.47 13.76 -24.82
C ASN A 57 -9.96 12.86 -25.89
N GLY A 58 -9.96 13.38 -27.12
CA GLY A 58 -9.52 12.59 -28.26
C GLY A 58 -10.38 11.33 -28.29
N CYS A 59 -9.74 10.20 -28.44
CA CYS A 59 -10.45 8.93 -28.46
C CYS A 59 -10.31 8.19 -27.13
N THR A 60 -9.52 8.73 -26.21
CA THR A 60 -9.30 8.10 -24.92
C THR A 60 -10.58 8.01 -24.10
N SER A 61 -11.41 9.06 -24.19
CA SER A 61 -12.66 9.10 -23.44
C SER A 61 -13.69 8.10 -23.90
N ALA A 62 -13.40 7.41 -25.00
CA ALA A 62 -14.34 6.41 -25.52
C ALA A 62 -14.39 5.15 -24.67
N GLY A 63 -13.45 5.02 -23.75
CA GLY A 63 -13.45 3.84 -22.89
C GLY A 63 -12.95 2.59 -23.58
N ALA A 64 -13.33 1.46 -23.02
CA ALA A 64 -12.89 0.14 -23.54
C ALA A 64 -13.86 -0.44 -24.55
N HIS A 65 -13.58 -1.62 -25.05
CA HIS A 65 -14.48 -2.24 -26.04
C HIS A 65 -15.83 -2.49 -25.43
N PHE A 66 -16.89 -2.23 -26.19
CA PHE A 66 -18.25 -2.49 -25.75
C PHE A 66 -18.40 -3.99 -25.50
N ASN A 67 -18.75 -4.37 -24.26
CA ASN A 67 -18.78 -5.79 -23.89
C ASN A 67 -19.94 -6.18 -22.98
N PRO A 68 -21.17 -6.05 -23.46
CA PRO A 68 -22.33 -6.40 -22.62
C PRO A 68 -22.43 -7.88 -22.32
N THR A 69 -21.79 -8.75 -23.12
CA THR A 69 -21.83 -10.19 -22.84
C THR A 69 -20.71 -10.62 -21.92
N LYS A 70 -19.85 -9.67 -21.53
CA LYS A 70 -18.78 -9.92 -20.56
C LYS A 70 -17.85 -11.05 -20.95
N GLN A 71 -17.35 -11.00 -22.18
CA GLN A 71 -16.42 -11.99 -22.68
C GLN A 71 -15.03 -11.40 -22.89
N GLU A 72 -14.08 -12.25 -23.22
CA GLU A 72 -12.74 -11.79 -23.57
C GLU A 72 -12.74 -11.33 -25.04
N HIS A 73 -11.72 -10.55 -25.40
CA HIS A 73 -11.58 -10.06 -26.76
C HIS A 73 -11.36 -11.21 -27.76
N GLY A 74 -11.93 -11.07 -28.97
CA GLY A 74 -11.75 -12.07 -30.02
C GLY A 74 -11.95 -11.53 -31.42
N ALA A 75 -11.99 -12.44 -32.40
CA ALA A 75 -12.26 -12.09 -33.78
C ALA A 75 -13.77 -12.03 -33.98
N PRO A 76 -14.26 -11.27 -34.95
CA PRO A 76 -15.72 -11.22 -35.19
C PRO A 76 -16.34 -12.60 -35.39
N GLU A 77 -15.59 -13.52 -35.97
CA GLU A 77 -16.11 -14.88 -36.23
C GLU A 77 -16.11 -15.79 -35.00
N ASP A 78 -15.44 -15.37 -33.91
CA ASP A 78 -15.34 -16.21 -32.71
C ASP A 78 -16.57 -16.18 -31.84
N SER A 79 -16.80 -17.30 -31.14
CA SER A 79 -17.91 -17.41 -30.21
C SER A 79 -17.58 -16.54 -29.00
N ILE A 80 -16.29 -16.51 -28.61
CA ILE A 80 -15.85 -15.68 -27.50
C ILE A 80 -15.27 -14.41 -28.07
N ARG A 81 -16.00 -13.31 -27.90
CA ARG A 81 -15.58 -12.00 -28.39
C ARG A 81 -16.40 -10.94 -27.70
N HIS A 82 -15.92 -9.70 -27.78
CA HIS A 82 -16.67 -8.58 -27.30
C HIS A 82 -17.71 -8.25 -28.40
N VAL A 83 -18.87 -7.77 -28.00
CA VAL A 83 -19.87 -7.36 -29.00
C VAL A 83 -19.20 -6.34 -29.96
N GLY A 84 -18.34 -5.48 -29.40
CA GLY A 84 -17.69 -4.45 -30.20
C GLY A 84 -16.56 -4.87 -31.11
N ASP A 85 -16.21 -6.18 -31.15
CA ASP A 85 -15.08 -6.62 -31.95
C ASP A 85 -15.38 -6.78 -33.43
N LEU A 86 -14.85 -5.87 -34.24
CA LEU A 86 -15.10 -5.94 -35.68
C LEU A 86 -13.86 -6.24 -36.50
N GLY A 87 -12.82 -6.77 -35.84
CA GLY A 87 -11.63 -7.19 -36.56
C GLY A 87 -10.71 -6.11 -37.04
N ASN A 88 -10.25 -6.27 -38.28
CA ASN A 88 -9.32 -5.33 -38.88
C ASN A 88 -9.76 -4.68 -40.16
N VAL A 89 -9.35 -3.42 -40.31
CA VAL A 89 -9.57 -2.65 -41.53
C VAL A 89 -8.22 -2.73 -42.27
N VAL A 90 -8.27 -3.06 -43.56
CA VAL A 90 -7.03 -3.21 -44.36
C VAL A 90 -6.79 -1.99 -45.23
N ALA A 91 -5.65 -1.34 -45.03
CA ALA A 91 -5.32 -0.15 -45.83
C ALA A 91 -4.29 -0.51 -46.87
N GLY A 92 -4.51 -0.03 -48.09
CA GLY A 92 -3.57 -0.28 -49.18
C GLY A 92 -2.38 0.67 -49.11
N ALA A 93 -1.50 0.56 -50.11
CA ALA A 93 -0.30 1.41 -50.18
C ALA A 93 -0.61 2.91 -50.23
N ASP A 94 -1.75 3.26 -50.80
CA ASP A 94 -2.17 4.66 -50.91
C ASP A 94 -2.78 5.22 -49.62
N GLY A 95 -2.90 4.36 -48.61
CA GLY A 95 -3.46 4.80 -47.34
C GLY A 95 -4.97 4.74 -47.23
N ASN A 96 -5.63 4.34 -48.30
CA ASN A 96 -7.08 4.23 -48.32
C ASN A 96 -7.51 2.83 -47.91
N ALA A 97 -8.74 2.72 -47.40
CA ALA A 97 -9.25 1.42 -46.98
C ALA A 97 -10.73 1.33 -47.17
N VAL A 98 -11.18 0.14 -47.52
CA VAL A 98 -12.61 -0.16 -47.65
C VAL A 98 -12.84 -1.39 -46.80
N TYR A 99 -13.89 -1.35 -46.01
CA TYR A 99 -14.26 -2.45 -45.11
C TYR A 99 -15.73 -2.79 -45.24
N ASN A 100 -16.03 -4.08 -45.38
CA ASN A 100 -17.40 -4.56 -45.44
C ASN A 100 -17.54 -5.77 -44.56
N ALA A 101 -18.62 -5.82 -43.80
CA ALA A 101 -18.91 -6.96 -42.99
C ALA A 101 -20.34 -7.02 -42.61
N THR A 102 -20.82 -8.22 -42.36
CA THR A 102 -22.17 -8.43 -41.81
C THR A 102 -21.90 -9.00 -40.41
N ASP A 103 -22.47 -8.37 -39.38
CA ASP A 103 -22.22 -8.83 -38.03
C ASP A 103 -23.52 -9.15 -37.31
N LYS A 104 -23.52 -10.24 -36.55
CA LYS A 104 -24.70 -10.66 -35.82
C LYS A 104 -24.78 -10.23 -34.36
N LEU A 105 -23.67 -9.73 -33.81
CA LEU A 105 -23.65 -9.32 -32.40
C LEU A 105 -23.95 -7.87 -32.17
N ILE A 106 -23.38 -6.98 -32.96
CA ILE A 106 -23.73 -5.56 -32.80
C ILE A 106 -25.17 -5.40 -33.27
N SER A 107 -25.81 -4.34 -32.82
CA SER A 107 -27.19 -4.04 -33.22
C SER A 107 -27.37 -2.54 -33.20
N LEU A 108 -28.48 -2.06 -33.77
CA LEU A 108 -28.82 -0.66 -33.70
C LEU A 108 -29.99 -0.50 -32.73
N ASN A 109 -30.35 -1.59 -32.03
CA ASN A 109 -31.47 -1.62 -31.08
C ASN A 109 -31.18 -2.55 -29.92
N GLY A 110 -31.93 -2.39 -28.83
CA GLY A 110 -31.74 -3.28 -27.69
C GLY A 110 -30.48 -3.09 -26.88
N SER A 111 -30.21 -4.08 -26.01
CA SER A 111 -29.06 -4.01 -25.12
C SER A 111 -27.70 -4.03 -25.82
N HIS A 112 -27.67 -4.55 -27.05
CA HIS A 112 -26.43 -4.59 -27.82
C HIS A 112 -26.32 -3.42 -28.80
N SER A 113 -27.21 -2.43 -28.65
CA SER A 113 -27.19 -1.29 -29.54
C SER A 113 -25.90 -0.51 -29.46
N ILE A 114 -25.39 -0.09 -30.63
CA ILE A 114 -24.18 0.70 -30.68
C ILE A 114 -24.51 2.16 -30.88
N ILE A 115 -25.80 2.49 -30.95
CA ILE A 115 -26.19 3.91 -31.12
C ILE A 115 -25.66 4.71 -29.94
N GLY A 116 -24.97 5.84 -30.19
CA GLY A 116 -24.45 6.63 -29.09
C GLY A 116 -23.10 6.15 -28.56
N ARG A 117 -22.56 5.08 -29.15
CA ARG A 117 -21.25 4.61 -28.72
C ARG A 117 -20.20 5.11 -29.71
N SER A 118 -18.97 4.60 -29.64
CA SER A 118 -17.91 5.06 -30.55
C SER A 118 -17.26 4.02 -31.37
N MET A 119 -17.02 4.33 -32.62
CA MET A 119 -16.20 3.44 -33.45
C MET A 119 -14.77 3.96 -33.35
N VAL A 120 -13.80 3.05 -33.23
CA VAL A 120 -12.39 3.43 -33.14
C VAL A 120 -11.56 2.61 -34.09
N ILE A 121 -10.64 3.26 -34.81
CA ILE A 121 -9.71 2.54 -35.68
C ILE A 121 -8.33 2.74 -35.03
N HIS A 122 -7.57 1.66 -34.95
CA HIS A 122 -6.31 1.66 -34.26
C HIS A 122 -5.04 1.73 -35.09
N GLU A 123 -3.95 2.08 -34.40
CA GLU A 123 -2.62 2.19 -34.96
C GLU A 123 -2.14 0.88 -35.58
N ASN A 124 -2.34 -0.22 -34.85
CA ASN A 124 -1.85 -1.51 -35.26
C ASN A 124 -2.90 -2.57 -35.47
N GLU A 125 -2.44 -3.72 -35.93
CA GLU A 125 -3.30 -4.84 -36.19
C GLU A 125 -3.89 -5.46 -34.92
N ASP A 126 -5.18 -5.79 -34.97
CA ASP A 126 -5.84 -6.51 -33.88
C ASP A 126 -5.44 -8.01 -34.04
N ASP A 127 -4.77 -8.56 -33.02
CA ASP A 127 -4.33 -9.98 -33.07
C ASP A 127 -5.45 -10.99 -32.81
N LEU A 128 -6.67 -10.46 -32.69
CA LEU A 128 -7.87 -11.28 -32.55
C LEU A 128 -7.84 -12.17 -31.30
N GLY A 129 -7.09 -11.75 -30.29
CA GLY A 129 -6.99 -12.48 -29.02
C GLY A 129 -6.07 -13.68 -29.03
N ARG A 130 -5.32 -13.83 -30.13
CA ARG A 130 -4.45 -14.99 -30.30
C ARG A 130 -2.96 -14.71 -30.20
N GLY A 131 -2.58 -13.44 -30.03
CA GLY A 131 -1.17 -13.05 -30.04
C GLY A 131 -0.31 -13.41 -28.89
N GLY A 132 -0.89 -13.90 -27.81
CA GLY A 132 -0.07 -14.30 -26.66
C GLY A 132 0.58 -13.14 -25.91
N HIS A 133 0.03 -11.95 -26.05
CA HIS A 133 0.52 -10.77 -25.34
C HIS A 133 -0.43 -10.38 -24.23
N GLU A 134 0.08 -9.57 -23.28
CA GLU A 134 -0.69 -9.14 -22.16
C GLU A 134 -2.07 -8.60 -22.54
N LEU A 135 -2.12 -7.81 -23.60
CA LEU A 135 -3.35 -7.19 -24.03
C LEU A 135 -4.15 -7.94 -25.10
N SER A 136 -3.66 -9.12 -25.52
CA SER A 136 -4.35 -9.87 -26.58
C SER A 136 -5.80 -10.12 -26.30
N LYS A 137 -6.08 -10.62 -25.09
CA LYS A 137 -7.47 -10.94 -24.71
C LYS A 137 -8.26 -9.76 -24.19
N VAL A 138 -7.66 -8.58 -24.23
CA VAL A 138 -8.32 -7.38 -23.75
C VAL A 138 -8.64 -6.44 -24.91
N THR A 139 -7.62 -6.11 -25.70
CA THR A 139 -7.81 -5.18 -26.83
C THR A 139 -7.33 -5.71 -28.16
N GLY A 140 -6.80 -6.93 -28.18
CA GLY A 140 -6.23 -7.44 -29.41
C GLY A 140 -4.83 -6.83 -29.63
N ASN A 141 -4.34 -6.10 -28.63
CA ASN A 141 -3.00 -5.48 -28.69
C ASN A 141 -2.87 -4.59 -29.94
N ALA A 142 -3.97 -3.87 -30.26
CA ALA A 142 -4.01 -3.01 -31.45
C ALA A 142 -3.40 -1.66 -31.29
N GLY A 143 -2.91 -1.35 -30.10
CA GLY A 143 -2.25 -0.07 -29.90
C GLY A 143 -3.14 1.15 -29.85
N GLY A 144 -2.54 2.29 -30.18
CA GLY A 144 -3.22 3.58 -30.11
C GLY A 144 -4.46 3.77 -30.94
N ARG A 145 -5.16 4.86 -30.67
CA ARG A 145 -6.40 5.18 -31.36
C ARG A 145 -6.17 6.30 -32.36
N LEU A 146 -6.26 5.96 -33.66
CA LEU A 146 -6.01 6.95 -34.73
C LEU A 146 -7.17 7.89 -35.00
N ALA A 147 -8.37 7.35 -35.03
CA ALA A 147 -9.57 8.15 -35.29
C ALA A 147 -10.77 7.50 -34.66
N CYS A 148 -11.78 8.31 -34.41
CA CYS A 148 -13.00 7.82 -33.78
C CYS A 148 -14.15 8.79 -33.99
N GLY A 149 -15.34 8.32 -33.69
CA GLY A 149 -16.54 9.13 -33.80
C GLY A 149 -17.71 8.47 -33.12
N VAL A 150 -18.70 9.27 -32.76
CA VAL A 150 -19.90 8.76 -32.12
C VAL A 150 -20.83 8.19 -33.20
N VAL A 151 -21.55 7.13 -32.85
CA VAL A 151 -22.48 6.51 -33.80
C VAL A 151 -23.87 7.20 -33.70
N GLY A 152 -24.32 7.79 -34.80
CA GLY A 152 -25.62 8.47 -34.81
C GLY A 152 -26.67 7.76 -35.64
N LEU A 153 -27.92 8.06 -35.34
CA LEU A 153 -29.07 7.51 -36.08
C LEU A 153 -29.13 8.24 -37.40
N ALA A 154 -29.37 7.50 -38.48
CA ALA A 154 -29.48 8.10 -39.80
C ALA A 154 -30.91 7.98 -40.34
N ALA A 155 -31.23 8.81 -41.31
CA ALA A 155 -32.57 8.79 -41.92
C ALA A 155 -32.76 7.46 -42.63
N GLU A 156 -33.88 6.81 -42.31
CA GLU A 156 -34.22 5.49 -42.86
C GLU A 156 -34.18 5.46 -44.36
N GLY B 1 -28.47 -0.48 -17.88
CA GLY B 1 -29.61 0.23 -17.22
C GLY B 1 -29.95 1.55 -17.87
N SER B 2 -30.57 2.45 -17.10
CA SER B 2 -30.92 3.76 -17.61
C SER B 2 -29.65 4.57 -17.88
N ASN B 3 -29.63 5.34 -18.97
CA ASN B 3 -28.48 6.20 -19.29
C ASN B 3 -28.53 7.42 -18.39
N MET B 4 -27.44 7.73 -17.70
CA MET B 4 -27.42 8.88 -16.79
C MET B 4 -26.56 10.05 -17.24
N LYS B 5 -25.72 9.87 -18.25
CA LYS B 5 -24.89 10.95 -18.78
C LYS B 5 -24.70 10.82 -20.27
N ALA B 6 -24.56 11.96 -20.91
CA ALA B 6 -24.30 12.01 -22.34
C ALA B 6 -23.44 13.19 -22.67
N VAL B 7 -22.87 13.20 -23.85
CA VAL B 7 -21.99 14.30 -24.27
C VAL B 7 -22.09 14.51 -25.77
N CYS B 8 -21.80 15.73 -26.20
CA CYS B 8 -21.83 16.04 -27.61
C CYS B 8 -20.71 17.02 -27.96
N VAL B 9 -19.81 16.62 -28.84
CA VAL B 9 -18.73 17.49 -29.27
C VAL B 9 -19.21 18.11 -30.56
N MET B 10 -19.30 19.45 -30.57
CA MET B 10 -19.82 20.17 -31.74
C MET B 10 -18.73 20.86 -32.52
N THR B 11 -18.71 20.61 -33.82
CA THR B 11 -17.70 21.23 -34.70
C THR B 11 -18.32 21.61 -36.01
N GLY B 12 -17.55 22.32 -36.83
CA GLY B 12 -18.01 22.73 -38.13
C GLY B 12 -16.86 23.41 -38.85
N THR B 13 -17.19 24.12 -39.92
CA THR B 13 -16.16 24.82 -40.71
C THR B 13 -16.34 26.32 -40.62
N ALA B 14 -17.03 26.79 -39.56
CA ALA B 14 -17.27 28.20 -39.38
C ALA B 14 -16.49 28.81 -38.22
N GLY B 15 -15.50 28.08 -37.71
CA GLY B 15 -14.70 28.57 -36.58
C GLY B 15 -15.41 28.49 -35.24
N VAL B 16 -16.55 27.78 -35.22
CA VAL B 16 -17.32 27.59 -34.00
C VAL B 16 -17.18 26.15 -33.52
N LYS B 17 -16.95 25.99 -32.24
CA LYS B 17 -16.86 24.65 -31.65
C LYS B 17 -17.38 24.72 -30.23
N GLY B 18 -17.73 23.58 -29.69
CA GLY B 18 -18.23 23.54 -28.35
C GLY B 18 -18.40 22.14 -27.85
N VAL B 19 -18.85 22.04 -26.61
CA VAL B 19 -19.10 20.72 -25.98
C VAL B 19 -20.34 20.86 -25.14
N VAL B 20 -21.24 19.87 -25.25
CA VAL B 20 -22.47 19.86 -24.47
C VAL B 20 -22.43 18.63 -23.59
N LYS B 21 -22.79 18.79 -22.33
CA LYS B 21 -22.81 17.68 -21.38
C LYS B 21 -24.22 17.57 -20.84
N PHE B 22 -24.70 16.33 -20.65
CA PHE B 22 -26.04 16.11 -20.16
C PHE B 22 -26.04 15.14 -19.01
N THR B 23 -26.88 15.40 -18.01
CA THR B 23 -27.04 14.45 -16.90
C THR B 23 -28.50 14.19 -16.68
N GLN B 24 -28.84 12.95 -16.36
CA GLN B 24 -30.24 12.59 -16.05
C GLN B 24 -30.11 11.54 -14.95
N GLU B 25 -30.41 11.95 -13.72
CA GLU B 25 -30.19 11.11 -12.56
C GLU B 25 -31.20 10.03 -12.32
N THR B 26 -32.38 10.19 -12.91
CA THR B 26 -33.42 9.15 -12.81
C THR B 26 -33.96 8.97 -14.20
N ASP B 27 -34.46 7.76 -14.53
CA ASP B 27 -34.89 7.46 -15.89
C ASP B 27 -35.87 8.47 -16.54
N ASN B 28 -36.78 9.02 -15.77
CA ASN B 28 -37.73 10.00 -16.26
C ASN B 28 -37.56 11.37 -15.67
N GLY B 29 -36.40 11.59 -15.05
CA GLY B 29 -36.15 12.87 -14.40
C GLY B 29 -35.74 13.93 -15.39
N PRO B 30 -35.59 15.15 -14.90
CA PRO B 30 -35.18 16.23 -15.78
C PRO B 30 -33.75 16.02 -16.22
N VAL B 31 -33.40 16.59 -17.36
CA VAL B 31 -32.03 16.50 -17.87
C VAL B 31 -31.34 17.85 -17.64
N HIS B 32 -30.15 17.79 -17.06
CA HIS B 32 -29.35 19.02 -16.85
C HIS B 32 -28.46 19.15 -18.08
N VAL B 33 -28.51 20.32 -18.72
CA VAL B 33 -27.74 20.57 -19.92
C VAL B 33 -26.72 21.64 -19.62
N HIS B 34 -25.47 21.36 -19.92
CA HIS B 34 -24.38 22.35 -19.74
C HIS B 34 -23.62 22.43 -21.07
N ALA B 35 -23.44 23.63 -21.60
CA ALA B 35 -22.70 23.74 -22.85
C ALA B 35 -21.72 24.87 -22.82
N GLU B 36 -20.64 24.70 -23.56
CA GLU B 36 -19.60 25.75 -23.68
C GLU B 36 -19.26 25.84 -25.14
N PHE B 37 -19.15 27.06 -25.64
CA PHE B 37 -18.83 27.31 -27.05
C PHE B 37 -17.81 28.42 -27.19
N SER B 38 -17.13 28.43 -28.31
CA SER B 38 -16.19 29.50 -28.64
C SER B 38 -16.36 29.84 -30.10
N GLY B 39 -15.95 31.06 -30.47
CA GLY B 39 -15.98 31.48 -31.86
C GLY B 39 -17.27 32.04 -32.39
N LEU B 40 -18.20 32.33 -31.49
CA LEU B 40 -19.50 32.85 -31.89
C LEU B 40 -19.62 34.36 -31.96
N LYS B 41 -20.49 34.82 -32.84
CA LYS B 41 -20.80 36.25 -32.92
C LYS B 41 -21.52 36.57 -31.63
N ALA B 42 -21.27 37.73 -31.05
CA ALA B 42 -21.95 38.11 -29.82
C ALA B 42 -23.46 38.05 -29.97
N GLY B 43 -24.15 37.61 -28.92
CA GLY B 43 -25.59 37.55 -28.96
C GLY B 43 -26.17 36.15 -28.89
N LYS B 44 -27.44 36.07 -29.21
CA LYS B 44 -28.19 34.79 -29.13
C LYS B 44 -28.02 33.92 -30.35
N HIS B 45 -27.92 32.62 -30.10
CA HIS B 45 -27.79 31.63 -31.16
C HIS B 45 -28.69 30.45 -30.89
N GLY B 46 -29.56 30.13 -31.86
CA GLY B 46 -30.49 28.98 -31.72
C GLY B 46 -29.75 27.69 -31.36
N PHE B 47 -30.34 26.90 -30.47
CA PHE B 47 -29.70 25.68 -29.98
C PHE B 47 -30.75 24.60 -29.83
N HIS B 48 -30.64 23.53 -30.63
CA HIS B 48 -31.66 22.49 -30.58
C HIS B 48 -31.12 21.10 -30.87
N VAL B 49 -31.92 20.11 -30.50
CA VAL B 49 -31.62 18.74 -30.86
C VAL B 49 -32.34 18.54 -32.19
N HIS B 50 -31.62 18.04 -33.19
CA HIS B 50 -32.19 17.72 -34.49
C HIS B 50 -32.39 16.22 -34.55
N GLU B 51 -33.27 15.79 -35.44
CA GLU B 51 -33.67 14.37 -35.50
C GLU B 51 -32.57 13.32 -35.73
N PHE B 52 -31.71 13.58 -36.69
CA PHE B 52 -30.70 12.56 -37.04
C PHE B 52 -29.34 12.87 -36.53
N GLY B 53 -28.63 11.83 -36.12
CA GLY B 53 -27.25 11.98 -35.64
C GLY B 53 -26.28 11.91 -36.81
N ASP B 54 -26.68 12.46 -37.95
CA ASP B 54 -25.88 12.43 -39.18
C ASP B 54 -25.34 13.83 -39.40
N THR B 55 -24.03 13.98 -39.22
CA THR B 55 -23.38 15.28 -39.39
C THR B 55 -22.77 15.50 -40.74
N THR B 56 -22.84 14.49 -41.62
CA THR B 56 -22.22 14.60 -42.96
C THR B 56 -22.83 15.73 -43.76
N ASN B 57 -22.06 16.25 -44.71
CA ASN B 57 -22.56 17.33 -45.54
C ASN B 57 -22.73 18.63 -44.75
N GLY B 58 -21.80 18.90 -43.86
CA GLY B 58 -21.85 20.13 -43.08
C GLY B 58 -23.12 20.42 -42.30
N CYS B 59 -23.58 19.41 -41.57
CA CYS B 59 -24.77 19.55 -40.72
C CYS B 59 -26.09 19.60 -41.48
N THR B 60 -26.04 19.54 -42.80
CA THR B 60 -27.24 19.63 -43.64
C THR B 60 -28.08 18.38 -43.68
N SER B 61 -27.59 17.31 -43.06
CA SER B 61 -28.31 16.03 -43.01
C SER B 61 -28.87 15.70 -41.65
N ALA B 62 -28.73 16.64 -40.72
CA ALA B 62 -29.21 16.41 -39.37
C ALA B 62 -30.71 16.38 -39.27
N GLY B 63 -31.40 16.82 -40.33
CA GLY B 63 -32.84 16.83 -40.32
C GLY B 63 -33.44 18.02 -39.57
N ALA B 64 -34.76 17.96 -39.33
CA ALA B 64 -35.49 19.03 -38.63
C ALA B 64 -35.31 18.90 -37.14
N HIS B 65 -35.85 19.84 -36.39
CA HIS B 65 -35.77 19.73 -34.92
C HIS B 65 -36.44 18.40 -34.50
N PHE B 66 -35.85 17.74 -33.49
CA PHE B 66 -36.40 16.50 -32.96
C PHE B 66 -37.79 16.80 -32.45
N ASN B 67 -38.78 16.10 -32.98
CA ASN B 67 -40.19 16.45 -32.68
C ASN B 67 -41.11 15.23 -32.63
N PRO B 68 -40.87 14.32 -31.70
CA PRO B 68 -41.70 13.10 -31.59
C PRO B 68 -43.13 13.38 -31.17
N THR B 69 -43.37 14.53 -30.55
CA THR B 69 -44.73 14.89 -30.12
C THR B 69 -45.50 15.67 -31.18
N LYS B 70 -44.88 15.88 -32.34
CA LYS B 70 -45.54 16.57 -33.46
C LYS B 70 -46.15 17.92 -33.10
N GLN B 71 -45.34 18.80 -32.58
CA GLN B 71 -45.77 20.12 -32.22
C GLN B 71 -45.04 21.17 -33.03
N GLU B 72 -45.46 22.40 -32.89
CA GLU B 72 -44.79 23.53 -33.53
C GLU B 72 -43.59 23.98 -32.69
N HIS B 73 -42.70 24.74 -33.32
CA HIS B 73 -41.52 25.25 -32.65
C HIS B 73 -41.88 26.25 -31.57
N GLY B 74 -41.17 26.19 -30.44
CA GLY B 74 -41.40 27.15 -29.38
C GLY B 74 -40.19 27.34 -28.48
N ALA B 75 -40.39 28.03 -27.35
CA ALA B 75 -39.32 28.23 -26.38
C ALA B 75 -39.33 27.03 -25.44
N PRO B 76 -38.20 26.73 -24.79
CA PRO B 76 -38.13 25.60 -23.86
C PRO B 76 -39.20 25.66 -22.74
N GLU B 77 -39.52 26.86 -22.29
CA GLU B 77 -40.51 27.01 -21.24
C GLU B 77 -41.97 26.87 -21.70
N ASP B 78 -42.19 26.94 -23.00
CA ASP B 78 -43.57 26.85 -23.53
C ASP B 78 -44.16 25.45 -23.46
N SER B 79 -45.49 25.38 -23.34
CA SER B 79 -46.16 24.08 -23.34
C SER B 79 -46.09 23.51 -24.76
N ILE B 80 -46.17 24.40 -25.76
CA ILE B 80 -46.08 24.02 -27.17
C ILE B 80 -44.63 24.24 -27.65
N ARG B 81 -43.96 23.15 -27.94
CA ARG B 81 -42.58 23.19 -28.43
C ARG B 81 -42.14 21.84 -28.94
N HIS B 82 -41.09 21.85 -29.75
CA HIS B 82 -40.49 20.62 -30.14
C HIS B 82 -39.71 20.09 -28.94
N VAL B 83 -39.63 18.77 -28.80
CA VAL B 83 -38.82 18.19 -27.71
C VAL B 83 -37.39 18.75 -27.84
N GLY B 84 -36.93 18.91 -29.07
CA GLY B 84 -35.57 19.41 -29.26
C GLY B 84 -35.31 20.88 -29.04
N ASP B 85 -36.33 21.66 -28.66
CA ASP B 85 -36.16 23.11 -28.49
C ASP B 85 -35.50 23.52 -27.20
N LEU B 86 -34.23 23.94 -27.29
CA LEU B 86 -33.47 24.34 -26.12
C LEU B 86 -33.18 25.83 -26.09
N GLY B 87 -33.87 26.58 -26.95
CA GLY B 87 -33.74 28.03 -26.92
C GLY B 87 -32.51 28.61 -27.53
N ASN B 88 -31.86 29.51 -26.80
CA ASN B 88 -30.67 30.19 -27.28
C ASN B 88 -29.49 30.07 -26.39
N VAL B 89 -28.33 29.96 -27.04
CA VAL B 89 -27.04 30.02 -26.34
C VAL B 89 -26.66 31.50 -26.47
N VAL B 90 -26.20 32.10 -25.38
CA VAL B 90 -25.82 33.52 -25.42
C VAL B 90 -24.30 33.69 -25.40
N ALA B 91 -23.76 34.24 -26.49
CA ALA B 91 -22.35 34.46 -26.57
C ALA B 91 -22.02 35.87 -26.10
N GLY B 92 -20.97 35.97 -25.32
CA GLY B 92 -20.51 37.26 -24.83
C GLY B 92 -19.74 37.97 -25.95
N ALA B 93 -19.24 39.15 -25.64
CA ALA B 93 -18.52 39.92 -26.66
C ALA B 93 -17.32 39.18 -27.19
N ASP B 94 -16.71 38.33 -26.35
CA ASP B 94 -15.53 37.56 -26.74
C ASP B 94 -15.82 36.33 -27.59
N GLY B 95 -17.10 36.08 -27.87
CA GLY B 95 -17.46 34.91 -28.68
C GLY B 95 -17.60 33.60 -27.92
N ASN B 96 -17.31 33.61 -26.62
CA ASN B 96 -17.47 32.42 -25.81
C ASN B 96 -18.88 32.43 -25.22
N ALA B 97 -19.38 31.22 -24.93
CA ALA B 97 -20.71 31.11 -24.33
C ALA B 97 -20.74 30.00 -23.34
N VAL B 98 -21.51 30.20 -22.27
CA VAL B 98 -21.75 29.18 -21.28
C VAL B 98 -23.27 29.08 -21.20
N TYR B 99 -23.80 27.86 -21.27
CA TYR B 99 -25.22 27.63 -21.24
C TYR B 99 -25.54 26.58 -20.19
N ASN B 100 -26.58 26.84 -19.41
CA ASN B 100 -27.06 25.87 -18.43
C ASN B 100 -28.56 25.87 -18.41
N ALA B 101 -29.16 24.68 -18.43
CA ALA B 101 -30.60 24.56 -18.35
C ALA B 101 -31.00 23.23 -17.79
N THR B 102 -32.20 23.18 -17.23
CA THR B 102 -32.80 21.93 -16.74
C THR B 102 -34.02 21.75 -17.63
N ASP B 103 -34.11 20.63 -18.32
CA ASP B 103 -35.20 20.42 -19.25
C ASP B 103 -35.96 19.14 -18.94
N LYS B 104 -37.27 19.21 -19.04
CA LYS B 104 -38.13 18.08 -18.73
C LYS B 104 -38.68 17.36 -19.96
N LEU B 105 -38.40 17.90 -21.16
CA LEU B 105 -38.87 17.27 -22.41
C LEU B 105 -37.84 16.34 -23.04
N ILE B 106 -36.60 16.79 -23.16
CA ILE B 106 -35.57 15.89 -23.68
C ILE B 106 -35.30 14.81 -22.63
N SER B 107 -34.72 13.70 -23.07
CA SER B 107 -34.36 12.62 -22.16
C SER B 107 -33.16 11.90 -22.73
N LEU B 108 -32.55 11.05 -21.92
CA LEU B 108 -31.44 10.25 -22.38
C LEU B 108 -31.95 8.79 -22.49
N ASN B 109 -33.27 8.62 -22.34
CA ASN B 109 -33.94 7.32 -22.36
C ASN B 109 -35.32 7.42 -22.97
N GLY B 110 -35.86 6.28 -23.41
CA GLY B 110 -37.21 6.28 -23.93
C GLY B 110 -37.43 7.00 -25.24
N SER B 111 -38.69 7.33 -25.52
CA SER B 111 -39.03 7.93 -26.82
C SER B 111 -38.49 9.30 -27.07
N HIS B 112 -38.26 10.04 -26.00
CA HIS B 112 -37.69 11.39 -26.14
C HIS B 112 -36.14 11.35 -26.04
N SER B 113 -35.56 10.15 -26.07
CA SER B 113 -34.10 10.07 -25.98
C SER B 113 -33.41 10.81 -27.12
N ILE B 114 -32.40 11.58 -26.75
CA ILE B 114 -31.61 12.32 -27.73
C ILE B 114 -30.33 11.57 -28.05
N ILE B 115 -30.13 10.38 -27.44
CA ILE B 115 -28.92 9.62 -27.74
C ILE B 115 -28.88 9.25 -29.22
N GLY B 116 -27.76 9.54 -29.88
CA GLY B 116 -27.63 9.22 -31.28
C GLY B 116 -28.22 10.28 -32.21
N ARG B 117 -28.71 11.39 -31.65
CA ARG B 117 -29.26 12.46 -32.48
C ARG B 117 -28.23 13.57 -32.57
N SER B 118 -28.59 14.74 -33.12
CA SER B 118 -27.61 15.79 -33.21
C SER B 118 -27.97 17.03 -32.43
N MET B 119 -26.94 17.67 -31.91
CA MET B 119 -27.10 19.02 -31.32
C MET B 119 -26.62 19.99 -32.41
N VAL B 120 -27.34 21.09 -32.59
CA VAL B 120 -26.96 22.08 -33.58
C VAL B 120 -27.03 23.47 -32.97
N ILE B 121 -26.03 24.29 -33.27
CA ILE B 121 -26.02 25.69 -32.82
C ILE B 121 -26.08 26.52 -34.12
N HIS B 122 -26.95 27.53 -34.12
CA HIS B 122 -27.25 28.31 -35.28
C HIS B 122 -26.62 29.67 -35.39
N GLU B 123 -26.65 30.19 -36.62
CA GLU B 123 -26.09 31.49 -36.96
C GLU B 123 -26.77 32.65 -36.25
N ASN B 124 -28.08 32.59 -36.18
CA ASN B 124 -28.88 33.65 -35.61
C ASN B 124 -29.70 33.24 -34.40
N GLU B 125 -30.36 34.23 -33.81
CA GLU B 125 -31.21 34.04 -32.66
C GLU B 125 -32.46 33.24 -33.01
N ASP B 126 -32.83 32.35 -32.10
CA ASP B 126 -34.06 31.58 -32.23
C ASP B 126 -35.14 32.51 -31.70
N ASP B 127 -36.11 32.87 -32.54
CA ASP B 127 -37.18 33.79 -32.09
C ASP B 127 -38.24 33.12 -31.25
N LEU B 128 -38.02 31.83 -30.95
CA LEU B 128 -38.91 31.05 -30.07
C LEU B 128 -40.31 30.87 -30.60
N GLY B 129 -40.49 31.06 -31.92
CA GLY B 129 -41.80 30.94 -32.55
C GLY B 129 -42.66 32.16 -32.33
N ARG B 130 -42.02 33.25 -31.93
CA ARG B 130 -42.73 34.50 -31.60
C ARG B 130 -42.47 35.60 -32.59
N GLY B 131 -41.65 35.30 -33.59
CA GLY B 131 -41.25 36.27 -34.61
C GLY B 131 -42.26 36.67 -35.66
N GLY B 132 -43.29 35.86 -35.86
CA GLY B 132 -44.30 36.20 -36.85
C GLY B 132 -44.01 35.71 -38.26
N HIS B 133 -42.87 35.04 -38.44
CA HIS B 133 -42.49 34.52 -39.76
C HIS B 133 -42.98 33.06 -39.88
N GLU B 134 -43.08 32.55 -41.10
CA GLU B 134 -43.49 31.17 -41.29
C GLU B 134 -42.44 30.26 -40.66
N LEU B 135 -41.17 30.58 -40.91
CA LEU B 135 -40.10 29.81 -40.32
C LEU B 135 -40.10 29.90 -38.80
N SER B 136 -40.71 30.96 -38.24
CA SER B 136 -40.71 31.08 -36.78
C SER B 136 -41.27 29.83 -36.10
N LYS B 137 -42.34 29.28 -36.66
CA LYS B 137 -42.98 28.09 -36.06
C LYS B 137 -42.37 26.76 -36.45
N VAL B 138 -41.27 26.80 -37.19
CA VAL B 138 -40.58 25.60 -37.63
C VAL B 138 -39.15 25.58 -37.09
N THR B 139 -38.41 26.66 -37.35
CA THR B 139 -37.02 26.72 -36.93
C THR B 139 -36.70 27.85 -35.99
N GLY B 140 -37.68 28.69 -35.72
CA GLY B 140 -37.41 29.84 -34.88
C GLY B 140 -36.65 30.90 -35.69
N ASN B 141 -36.55 30.66 -37.00
CA ASN B 141 -35.85 31.57 -37.93
C ASN B 141 -34.39 31.79 -37.46
N ALA B 142 -33.78 30.71 -36.98
CA ALA B 142 -32.42 30.76 -36.45
C ALA B 142 -31.30 30.74 -37.50
N GLY B 143 -31.65 30.63 -38.77
CA GLY B 143 -30.63 30.63 -39.80
C GLY B 143 -29.78 29.37 -39.88
N GLY B 144 -28.59 29.54 -40.46
CA GLY B 144 -27.67 28.44 -40.74
C GLY B 144 -27.16 27.64 -39.58
N ARG B 145 -26.63 26.46 -39.89
CA ARG B 145 -26.12 25.55 -38.88
C ARG B 145 -24.59 25.76 -38.76
N LEU B 146 -24.16 26.41 -37.68
CA LEU B 146 -22.72 26.71 -37.51
C LEU B 146 -21.89 25.55 -37.09
N ALA B 147 -22.44 24.73 -36.20
CA ALA B 147 -21.70 23.55 -35.71
C ALA B 147 -22.68 22.54 -35.25
N CYS B 148 -22.26 21.28 -35.28
CA CYS B 148 -23.13 20.18 -34.84
C CYS B 148 -22.30 19.02 -34.38
N GLY B 149 -22.94 18.05 -33.78
CA GLY B 149 -22.27 16.85 -33.32
C GLY B 149 -23.31 15.83 -32.93
N VAL B 150 -22.92 14.56 -32.90
CA VAL B 150 -23.84 13.50 -32.48
C VAL B 150 -23.80 13.33 -30.95
N VAL B 151 -24.94 13.01 -30.36
CA VAL B 151 -25.02 12.85 -28.91
C VAL B 151 -24.60 11.43 -28.54
N GLY B 152 -23.56 11.32 -27.74
CA GLY B 152 -23.08 9.99 -27.33
C GLY B 152 -23.29 9.70 -25.86
N LEU B 153 -23.37 8.40 -25.55
CA LEU B 153 -23.48 7.95 -24.17
C LEU B 153 -22.17 8.25 -23.48
N ALA B 154 -22.24 8.76 -22.23
CA ALA B 154 -21.04 9.06 -21.48
C ALA B 154 -20.92 8.17 -20.24
N ALA B 155 -19.69 8.06 -19.71
CA ALA B 155 -19.43 7.26 -18.51
C ALA B 155 -20.21 7.89 -17.34
N GLU B 156 -20.70 7.05 -16.44
CA GLU B 156 -21.55 7.55 -15.35
C GLU B 156 -21.24 6.90 -14.00
N GLY C 1 41.00 -7.41 27.36
CA GLY C 1 40.90 -7.20 25.89
C GLY C 1 39.49 -6.94 25.42
N SER C 2 39.29 -6.89 24.13
CA SER C 2 37.99 -6.64 23.53
C SER C 2 37.10 -7.87 23.62
N ASN C 3 35.80 -7.65 23.82
CA ASN C 3 34.86 -8.75 23.92
C ASN C 3 34.62 -9.35 22.54
N MET C 4 34.73 -10.67 22.44
CA MET C 4 34.54 -11.35 21.14
C MET C 4 33.38 -12.34 21.15
N LYS C 5 32.85 -12.66 22.33
CA LYS C 5 31.73 -13.60 22.41
C LYS C 5 30.73 -13.26 23.49
N ALA C 6 29.45 -13.45 23.20
CA ALA C 6 28.39 -13.19 24.16
C ALA C 6 27.28 -14.19 23.99
N VAL C 7 26.44 -14.31 25.02
CA VAL C 7 25.34 -15.26 25.00
C VAL C 7 24.16 -14.69 25.74
N CYS C 8 22.96 -15.09 25.33
CA CYS C 8 21.75 -14.64 25.96
C CYS C 8 20.73 -15.76 26.02
N VAL C 9 20.31 -16.11 27.24
CA VAL C 9 19.29 -17.14 27.45
C VAL C 9 17.96 -16.40 27.61
N MET C 10 17.02 -16.69 26.73
CA MET C 10 15.73 -16.01 26.76
C MET C 10 14.61 -16.89 27.29
N THR C 11 13.88 -16.37 28.27
CA THR C 11 12.78 -17.09 28.90
C THR C 11 11.62 -16.17 29.18
N GLY C 12 10.50 -16.77 29.59
CA GLY C 12 9.32 -16.01 29.92
C GLY C 12 8.25 -16.92 30.44
N THR C 13 7.02 -16.40 30.48
CA THR C 13 5.89 -17.18 30.99
C THR C 13 4.88 -17.46 29.88
N ALA C 14 5.34 -17.43 28.64
CA ALA C 14 4.46 -17.67 27.50
C ALA C 14 4.74 -19.00 26.80
N GLY C 15 5.61 -19.82 27.39
CA GLY C 15 5.94 -21.10 26.81
C GLY C 15 7.03 -21.00 25.74
N VAL C 16 7.62 -19.82 25.64
CA VAL C 16 8.68 -19.59 24.68
C VAL C 16 10.03 -19.47 25.35
N LYS C 17 11.03 -20.10 24.75
CA LYS C 17 12.40 -20.03 25.26
C LYS C 17 13.37 -20.06 24.09
N GLY C 18 14.57 -19.59 24.32
CA GLY C 18 15.57 -19.61 23.27
C GLY C 18 16.94 -19.20 23.77
N VAL C 19 17.91 -19.31 22.89
CA VAL C 19 19.27 -18.94 23.22
C VAL C 19 19.89 -18.19 22.05
N VAL C 20 20.54 -17.07 22.35
CA VAL C 20 21.18 -16.28 21.32
C VAL C 20 22.66 -16.25 21.59
N LYS C 21 23.45 -16.41 20.53
CA LYS C 21 24.92 -16.34 20.64
C LYS C 21 25.43 -15.25 19.70
N PHE C 22 26.45 -14.55 20.13
CA PHE C 22 27.01 -13.45 19.34
C PHE C 22 28.51 -13.59 19.28
N THR C 23 29.08 -13.31 18.10
CA THR C 23 30.55 -13.30 17.95
C THR C 23 30.98 -12.04 17.24
N GLN C 24 32.13 -11.50 17.62
CA GLN C 24 32.63 -10.30 17.02
C GLN C 24 34.14 -10.42 16.93
N GLU C 25 34.67 -10.34 15.72
CA GLU C 25 36.12 -10.46 15.47
C GLU C 25 36.94 -9.28 15.94
N THR C 26 36.50 -8.07 15.58
CA THR C 26 37.19 -6.86 15.96
C THR C 26 36.31 -5.98 16.80
N ASP C 27 36.95 -5.12 17.56
CA ASP C 27 36.30 -4.21 18.49
C ASP C 27 35.06 -3.49 17.93
N ASN C 28 35.15 -3.05 16.68
CA ASN C 28 34.05 -2.32 16.11
C ASN C 28 33.54 -2.97 14.81
N GLY C 29 33.94 -4.22 14.56
CA GLY C 29 33.53 -4.93 13.36
C GLY C 29 32.12 -5.49 13.44
N PRO C 30 31.67 -6.17 12.40
CA PRO C 30 30.33 -6.76 12.38
C PRO C 30 30.16 -7.88 13.44
N VAL C 31 28.93 -8.06 13.89
CA VAL C 31 28.61 -9.07 14.88
C VAL C 31 27.76 -10.15 14.26
N HIS C 32 28.15 -11.41 14.45
CA HIS C 32 27.39 -12.54 13.94
C HIS C 32 26.41 -12.96 15.01
N VAL C 33 25.14 -13.07 14.63
CA VAL C 33 24.08 -13.44 15.56
C VAL C 33 23.45 -14.77 15.15
N HIS C 34 23.31 -15.67 16.11
CA HIS C 34 22.67 -16.95 15.86
C HIS C 34 21.71 -17.21 17.01
N ALA C 35 20.46 -17.43 16.69
CA ALA C 35 19.45 -17.68 17.74
C ALA C 35 18.56 -18.87 17.41
N GLU C 36 18.13 -19.57 18.46
CA GLU C 36 17.24 -20.72 18.34
C GLU C 36 16.15 -20.57 19.36
N PHE C 37 14.92 -20.84 18.96
CA PHE C 37 13.77 -20.73 19.85
C PHE C 37 12.84 -21.91 19.67
N SER C 38 11.98 -22.09 20.66
CA SER C 38 10.98 -23.13 20.64
C SER C 38 9.73 -22.56 21.31
N GLY C 39 8.56 -23.14 20.98
CA GLY C 39 7.30 -22.71 21.59
C GLY C 39 6.61 -21.51 20.96
N LEU C 40 7.10 -21.08 19.82
CA LEU C 40 6.56 -19.92 19.11
C LEU C 40 5.41 -20.24 18.20
N LYS C 41 4.46 -19.33 18.12
CA LYS C 41 3.36 -19.49 17.21
C LYS C 41 3.97 -19.32 15.80
N ALA C 42 3.53 -20.14 14.87
CA ALA C 42 4.05 -20.06 13.50
C ALA C 42 3.94 -18.64 12.94
N GLY C 43 4.99 -18.19 12.26
CA GLY C 43 5.02 -16.85 11.69
C GLY C 43 6.21 -16.05 12.16
N LYS C 44 6.17 -14.75 11.87
CA LYS C 44 7.28 -13.83 12.22
C LYS C 44 7.09 -13.17 13.56
N HIS C 45 8.20 -13.02 14.28
CA HIS C 45 8.22 -12.40 15.60
C HIS C 45 9.32 -11.34 15.72
N GLY C 46 8.95 -10.12 16.10
CA GLY C 46 9.95 -9.04 16.27
C GLY C 46 11.05 -9.45 17.23
N PHE C 47 12.27 -9.03 16.92
CA PHE C 47 13.43 -9.41 17.72
C PHE C 47 14.36 -8.23 17.83
N HIS C 48 14.54 -7.72 19.06
CA HIS C 48 15.38 -6.53 19.21
C HIS C 48 16.16 -6.50 20.49
N VAL C 49 17.18 -5.65 20.51
CA VAL C 49 17.94 -5.39 21.72
C VAL C 49 17.22 -4.22 22.43
N HIS C 50 16.82 -4.44 23.66
CA HIS C 50 16.18 -3.40 24.48
C HIS C 50 17.27 -2.81 25.37
N GLU C 51 17.06 -1.58 25.79
CA GLU C 51 18.06 -0.83 26.52
C GLU C 51 18.56 -1.34 27.87
N PHE C 52 17.66 -1.84 28.71
CA PHE C 52 18.10 -2.28 30.05
C PHE C 52 18.12 -3.78 30.14
N GLY C 53 19.17 -4.30 30.79
CA GLY C 53 19.30 -5.75 31.01
C GLY C 53 18.58 -6.12 32.28
N ASP C 54 17.40 -5.55 32.46
CA ASP C 54 16.61 -5.74 33.65
C ASP C 54 15.35 -6.52 33.34
N THR C 55 15.26 -7.73 33.92
CA THR C 55 14.10 -8.61 33.74
C THR C 55 13.37 -8.88 35.10
N THR C 56 13.47 -7.95 36.04
CA THR C 56 12.79 -8.12 37.35
C THR C 56 11.27 -8.10 37.25
N ASN C 57 10.76 -7.40 36.23
CA ASN C 57 9.31 -7.31 36.01
C ASN C 57 9.02 -7.89 34.66
N GLY C 58 9.19 -9.20 34.54
CA GLY C 58 9.00 -9.85 33.27
C GLY C 58 9.97 -9.21 32.28
N CYS C 59 9.46 -8.80 31.14
CA CYS C 59 10.30 -8.16 30.13
C CYS C 59 10.01 -6.66 30.02
N THR C 60 9.02 -6.18 30.77
CA THR C 60 8.68 -4.76 30.75
C THR C 60 9.80 -3.87 31.24
N SER C 61 10.53 -4.36 32.25
CA SER C 61 11.62 -3.59 32.82
C SER C 61 12.81 -3.41 31.89
N ALA C 62 12.76 -4.04 30.73
CA ALA C 62 13.86 -3.93 29.76
C ALA C 62 13.84 -2.61 29.02
N GLY C 63 12.78 -1.82 29.19
CA GLY C 63 12.72 -0.54 28.53
C GLY C 63 12.45 -0.65 27.03
N ALA C 64 12.80 0.41 26.32
CA ALA C 64 12.54 0.51 24.87
C ALA C 64 13.72 0.00 24.06
N HIS C 65 13.61 0.07 22.73
CA HIS C 65 14.71 -0.41 21.89
C HIS C 65 15.98 0.41 22.13
N PHE C 66 17.12 -0.26 22.16
CA PHE C 66 18.41 0.41 22.35
C PHE C 66 18.62 1.33 21.16
N ASN C 67 18.80 2.62 21.43
CA ASN C 67 18.85 3.61 20.36
C ASN C 67 19.84 4.74 20.59
N PRO C 68 21.13 4.41 20.68
CA PRO C 68 22.15 5.44 20.92
C PRO C 68 22.32 6.43 19.75
N THR C 69 21.92 6.04 18.53
CA THR C 69 22.03 6.95 17.40
C THR C 69 20.80 7.84 17.25
N LYS C 70 19.83 7.67 18.17
CA LYS C 70 18.60 8.50 18.21
C LYS C 70 17.84 8.57 16.89
N GLN C 71 17.52 7.41 16.34
CA GLN C 71 16.78 7.34 15.09
C GLN C 71 15.43 6.68 15.30
N GLU C 72 14.61 6.67 14.26
CA GLU C 72 13.34 5.99 14.30
C GLU C 72 13.56 4.49 14.08
N HIS C 73 12.56 3.69 14.43
CA HIS C 73 12.62 2.26 14.25
C HIS C 73 12.62 1.85 12.76
N GLY C 74 13.36 0.80 12.43
CA GLY C 74 13.39 0.31 11.06
C GLY C 74 13.82 -1.13 10.94
N ALA C 75 14.08 -1.56 9.70
CA ALA C 75 14.58 -2.89 9.42
C ALA C 75 16.10 -2.89 9.61
N PRO C 76 16.69 -4.04 9.95
CA PRO C 76 18.14 -4.14 10.09
C PRO C 76 18.90 -3.61 8.87
N GLU C 77 18.34 -3.79 7.68
CA GLU C 77 19.00 -3.32 6.48
C GLU C 77 18.82 -1.83 6.17
N ASP C 78 17.95 -1.15 6.90
CA ASP C 78 17.70 0.26 6.64
C ASP C 78 18.77 1.18 7.20
N SER C 79 18.94 2.32 6.55
CA SER C 79 19.88 3.32 7.02
C SER C 79 19.32 3.94 8.31
N ILE C 80 17.99 4.10 8.36
CA ILE C 80 17.33 4.64 9.53
C ILE C 80 16.77 3.49 10.35
N ARG C 81 17.37 3.26 11.50
CA ARG C 81 16.93 2.19 12.41
C ARG C 81 17.54 2.39 13.75
N HIS C 82 16.96 1.69 14.74
CA HIS C 82 17.55 1.67 16.06
C HIS C 82 18.72 0.68 16.00
N VAL C 83 19.77 0.92 16.77
CA VAL C 83 20.89 -0.02 16.82
C VAL C 83 20.32 -1.39 17.22
N GLY C 84 19.34 -1.38 18.12
CA GLY C 84 18.75 -2.64 18.57
C GLY C 84 17.81 -3.39 17.62
N ASP C 85 17.56 -2.84 16.43
CA ASP C 85 16.62 -3.48 15.49
C ASP C 85 17.17 -4.66 14.73
N LEU C 86 16.72 -5.87 15.08
CA LEU C 86 17.21 -7.08 14.42
C LEU C 86 16.14 -7.79 13.59
N GLY C 87 15.06 -7.09 13.29
CA GLY C 87 14.04 -7.64 12.42
C GLY C 87 13.14 -8.69 13.02
N ASN C 88 12.90 -9.75 12.24
CA ASN C 88 12.03 -10.82 12.66
C ASN C 88 12.66 -12.20 12.70
N VAL C 89 12.19 -12.96 13.67
CA VAL C 89 12.55 -14.37 13.85
C VAL C 89 11.37 -15.14 13.22
N VAL C 90 11.68 -16.08 12.33
CA VAL C 90 10.65 -16.87 11.64
C VAL C 90 10.45 -18.24 12.30
N ALA C 91 9.26 -18.48 12.82
CA ALA C 91 8.97 -19.77 13.46
C ALA C 91 8.19 -20.66 12.51
N GLY C 92 8.58 -21.92 12.46
CA GLY C 92 7.88 -22.88 11.61
C GLY C 92 6.63 -23.42 12.29
N ALA C 93 5.95 -24.35 11.61
CA ALA C 93 4.72 -24.94 12.14
C ALA C 93 4.90 -25.64 13.48
N ASP C 94 6.10 -26.17 13.72
CA ASP C 94 6.40 -26.86 14.98
C ASP C 94 6.74 -25.93 16.14
N GLY C 95 6.77 -24.63 15.88
CA GLY C 95 7.07 -23.66 16.92
C GLY C 95 8.56 -23.35 17.08
N ASN C 96 9.39 -24.04 16.31
CA ASN C 96 10.82 -23.78 16.36
C ASN C 96 11.26 -22.73 15.40
N ALA C 97 12.35 -22.05 15.73
CA ALA C 97 12.90 -21.02 14.87
C ALA C 97 14.41 -20.99 14.96
N VAL C 98 15.03 -20.68 13.81
CA VAL C 98 16.47 -20.52 13.71
C VAL C 98 16.66 -19.17 13.02
N TYR C 99 17.51 -18.34 13.60
CA TYR C 99 17.79 -17.02 13.10
C TYR C 99 19.28 -16.79 12.96
N ASN C 100 19.68 -16.23 11.83
CA ASN C 100 21.06 -15.87 11.58
C ASN C 100 21.14 -14.52 10.94
N ALA C 101 22.09 -13.71 11.39
CA ALA C 101 22.32 -12.43 10.79
C ALA C 101 23.68 -11.95 11.11
N THR C 102 24.22 -11.07 10.26
CA THR C 102 25.47 -10.39 10.51
C THR C 102 25.05 -8.92 10.60
N ASP C 103 25.36 -8.25 11.70
CA ASP C 103 24.94 -6.87 11.85
C ASP C 103 26.12 -5.94 12.10
N LYS C 104 26.06 -4.74 11.51
CA LYS C 104 27.14 -3.75 11.64
C LYS C 104 26.88 -2.67 12.68
N LEU C 105 25.65 -2.62 13.23
CA LEU C 105 25.33 -1.58 14.22
C LEU C 105 25.51 -2.02 15.65
N ILE C 106 25.03 -3.21 15.98
CA ILE C 106 25.25 -3.70 17.34
C ILE C 106 26.72 -4.02 17.48
N SER C 107 27.18 -4.06 18.73
CA SER C 107 28.56 -4.40 19.00
C SER C 107 28.63 -5.04 20.36
N LEU C 108 29.77 -5.63 20.66
CA LEU C 108 29.99 -6.21 21.99
C LEU C 108 30.95 -5.29 22.73
N ASN C 109 31.25 -4.14 22.14
CA ASN C 109 32.20 -3.17 22.71
C ASN C 109 31.79 -1.76 22.39
N GLY C 110 32.32 -0.80 23.14
CA GLY C 110 32.05 0.61 22.89
C GLY C 110 30.65 1.09 23.23
N SER C 111 30.30 2.27 22.69
CA SER C 111 28.96 2.87 22.96
C SER C 111 27.78 2.08 22.43
N HIS C 112 28.00 1.28 21.38
CA HIS C 112 26.92 0.47 20.78
C HIS C 112 26.90 -0.94 21.39
N SER C 113 27.69 -1.14 22.43
CA SER C 113 27.74 -2.45 23.07
C SER C 113 26.38 -2.89 23.61
N ILE C 114 26.07 -4.16 23.41
CA ILE C 114 24.82 -4.75 23.90
C ILE C 114 25.05 -5.60 25.13
N ILE C 115 26.31 -5.65 25.59
CA ILE C 115 26.61 -6.42 26.80
C ILE C 115 25.86 -5.77 27.95
N GLY C 116 25.14 -6.58 28.73
CA GLY C 116 24.40 -6.03 29.84
C GLY C 116 23.01 -5.52 29.48
N ARG C 117 22.63 -5.66 28.19
CA ARG C 117 21.29 -5.21 27.77
C ARG C 117 20.39 -6.43 27.58
N SER C 118 19.20 -6.26 27.01
CA SER C 118 18.29 -7.39 26.86
C SER C 118 17.85 -7.70 25.46
N MET C 119 17.79 -8.99 25.14
CA MET C 119 17.21 -9.38 23.86
C MET C 119 15.73 -9.70 24.15
N VAL C 120 14.84 -9.26 23.27
CA VAL C 120 13.40 -9.52 23.44
C VAL C 120 12.82 -10.07 22.15
N ILE C 121 11.99 -11.11 22.27
CA ILE C 121 11.27 -11.66 21.12
C ILE C 121 9.80 -11.35 21.38
N HIS C 122 9.13 -10.87 20.35
CA HIS C 122 7.76 -10.39 20.45
C HIS C 122 6.67 -11.30 19.97
N GLU C 123 5.45 -10.99 20.39
CA GLU C 123 4.31 -11.80 20.00
C GLU C 123 3.98 -11.71 18.52
N ASN C 124 4.11 -10.52 17.95
CA ASN C 124 3.76 -10.31 16.56
C ASN C 124 4.92 -9.89 15.68
N GLU C 125 4.62 -9.75 14.39
CA GLU C 125 5.63 -9.37 13.40
C GLU C 125 6.02 -7.90 13.50
N ASP C 126 7.32 -7.65 13.39
CA ASP C 126 7.84 -6.29 13.37
C ASP C 126 7.56 -5.81 11.93
N ASP C 127 6.80 -4.72 11.80
CA ASP C 127 6.47 -4.15 10.47
C ASP C 127 7.62 -3.33 9.86
N LEU C 128 8.78 -3.34 10.54
CA LEU C 128 9.98 -2.68 10.04
C LEU C 128 9.83 -1.19 9.81
N GLY C 129 8.91 -0.58 10.55
CA GLY C 129 8.66 0.86 10.45
C GLY C 129 7.83 1.29 9.26
N ARG C 130 7.29 0.33 8.52
CA ARG C 130 6.55 0.65 7.30
C ARG C 130 5.04 0.45 7.39
N GLY C 131 4.55 -0.09 8.51
CA GLY C 131 3.14 -0.40 8.66
C GLY C 131 2.13 0.70 8.71
N GLY C 132 2.58 1.94 8.86
CA GLY C 132 1.63 3.05 8.91
C GLY C 132 0.75 3.09 10.14
N HIS C 133 1.21 2.47 11.22
CA HIS C 133 0.50 2.48 12.50
C HIS C 133 1.21 3.37 13.49
N GLU C 134 0.49 3.73 14.54
CA GLU C 134 0.99 4.58 15.56
C GLU C 134 2.39 4.18 16.03
N LEU C 135 2.58 2.89 16.29
CA LEU C 135 3.86 2.40 16.81
C LEU C 135 4.86 1.92 15.78
N SER C 136 4.51 2.01 14.51
CA SER C 136 5.42 1.52 13.48
C SER C 136 6.84 2.05 13.59
N LYS C 137 6.96 3.39 13.73
CA LYS C 137 8.29 4.01 13.82
C LYS C 137 8.87 4.00 15.20
N VAL C 138 8.22 3.32 16.13
CA VAL C 138 8.68 3.25 17.51
C VAL C 138 9.10 1.85 17.86
N THR C 139 8.20 0.88 17.65
CA THR C 139 8.47 -0.51 18.00
C THR C 139 8.28 -1.46 16.86
N GLY C 140 7.85 -0.99 15.70
CA GLY C 140 7.55 -1.87 14.60
C GLY C 140 6.18 -2.55 14.82
N ASN C 141 5.47 -2.10 15.86
CA ASN C 141 4.12 -2.60 16.17
C ASN C 141 4.14 -4.12 16.40
N ALA C 142 5.21 -4.59 17.04
CA ALA C 142 5.39 -6.03 17.29
C ALA C 142 4.65 -6.62 18.45
N GLY C 143 3.93 -5.79 19.19
CA GLY C 143 3.14 -6.30 20.31
C GLY C 143 3.93 -6.68 21.57
N GLY C 144 3.34 -7.58 22.34
CA GLY C 144 3.87 -8.03 23.61
C GLY C 144 5.21 -8.71 23.56
N ARG C 145 5.79 -8.88 24.75
CA ARG C 145 7.11 -9.50 24.89
C ARG C 145 6.97 -10.92 25.38
N LEU C 146 7.29 -11.88 24.52
CA LEU C 146 7.14 -13.31 24.86
C LEU C 146 8.26 -13.85 25.75
N ALA C 147 9.49 -13.48 25.44
CA ALA C 147 10.63 -13.94 26.19
C ALA C 147 11.75 -12.94 26.08
N CYS C 148 12.62 -12.93 27.08
CA CYS C 148 13.77 -12.02 27.09
C CYS C 148 14.85 -12.55 28.00
N GLY C 149 16.02 -11.93 27.92
CA GLY C 149 17.13 -12.30 28.75
C GLY C 149 18.24 -11.28 28.64
N VAL C 150 19.08 -11.19 29.66
CA VAL C 150 20.20 -10.25 29.63
C VAL C 150 21.36 -10.84 28.80
N VAL C 151 22.12 -9.95 28.15
CA VAL C 151 23.23 -10.39 27.31
C VAL C 151 24.51 -10.44 28.16
N GLY C 152 25.09 -11.64 28.28
CA GLY C 152 26.31 -11.78 29.07
C GLY C 152 27.55 -12.11 28.26
N LEU C 153 28.70 -11.83 28.84
CA LEU C 153 30.00 -12.14 28.24
C LEU C 153 30.22 -13.65 28.28
N ALA C 154 30.70 -14.22 27.17
CA ALA C 154 30.97 -15.63 27.10
C ALA C 154 32.47 -15.88 27.00
N ALA C 155 32.88 -17.10 27.31
CA ALA C 155 34.31 -17.49 27.25
C ALA C 155 34.78 -17.50 25.80
N GLU C 156 35.87 -16.76 25.55
CA GLU C 156 36.42 -16.66 24.20
C GLU C 156 36.73 -17.96 23.56
N GLY D 1 26.97 7.44 29.34
CA GLY D 1 28.04 7.72 30.35
C GLY D 1 28.27 6.54 31.28
N SER D 2 28.84 6.82 32.45
CA SER D 2 29.09 5.77 33.45
C SER D 2 27.80 5.07 33.87
N ASN D 3 27.87 3.76 34.05
CA ASN D 3 26.72 2.98 34.48
C ASN D 3 26.51 3.22 35.96
N MET D 4 25.31 3.63 36.37
CA MET D 4 25.05 3.91 37.79
C MET D 4 24.17 2.89 38.50
N LYS D 5 23.53 2.02 37.73
CA LYS D 5 22.70 0.97 38.33
C LYS D 5 22.79 -0.31 37.53
N ALA D 6 22.69 -1.43 38.23
CA ALA D 6 22.70 -2.75 37.58
C ALA D 6 21.77 -3.68 38.34
N VAL D 7 21.42 -4.80 37.73
CA VAL D 7 20.51 -5.74 38.36
C VAL D 7 20.83 -7.15 37.89
N CYS D 8 20.50 -8.13 38.72
CA CYS D 8 20.73 -9.51 38.36
C CYS D 8 19.63 -10.39 38.89
N VAL D 9 18.92 -11.06 37.99
CA VAL D 9 17.86 -11.97 38.36
C VAL D 9 18.49 -13.36 38.41
N MET D 10 18.46 -13.98 39.58
CA MET D 10 19.08 -15.27 39.75
C MET D 10 18.07 -16.40 39.87
N THR D 11 18.30 -17.47 39.11
CA THR D 11 17.43 -18.63 39.14
C THR D 11 18.25 -19.91 38.94
N GLY D 12 17.59 -21.05 39.08
CA GLY D 12 18.23 -22.33 38.90
C GLY D 12 17.17 -23.41 38.98
N THR D 13 17.61 -24.63 39.22
CA THR D 13 16.69 -25.77 39.32
C THR D 13 16.73 -26.38 40.70
N ALA D 14 17.21 -25.62 41.68
CA ALA D 14 17.32 -26.11 43.06
C ALA D 14 16.29 -25.49 44.00
N GLY D 15 15.31 -24.78 43.44
CA GLY D 15 14.27 -24.12 44.22
C GLY D 15 14.70 -22.78 44.83
N VAL D 16 15.87 -22.29 44.43
CA VAL D 16 16.38 -21.02 44.91
C VAL D 16 16.28 -19.96 43.83
N LYS D 17 15.83 -18.78 44.23
CA LYS D 17 15.77 -17.65 43.30
C LYS D 17 15.95 -16.37 44.08
N GLY D 18 16.33 -15.30 43.37
CA GLY D 18 16.52 -14.02 44.01
C GLY D 18 16.79 -12.93 43.04
N VAL D 19 17.08 -11.74 43.56
CA VAL D 19 17.36 -10.56 42.75
C VAL D 19 18.44 -9.75 43.46
N VAL D 20 19.43 -9.29 42.71
CA VAL D 20 20.50 -8.48 43.24
C VAL D 20 20.43 -7.12 42.54
N LYS D 21 20.60 -6.04 43.30
CA LYS D 21 20.58 -4.69 42.74
C LYS D 21 21.86 -4.00 43.11
N PHE D 22 22.41 -3.23 42.19
CA PHE D 22 23.65 -2.54 42.43
C PHE D 22 23.55 -1.09 42.08
N THR D 23 24.20 -0.23 42.89
CA THR D 23 24.25 1.21 42.57
C THR D 23 25.69 1.69 42.68
N GLN D 24 26.07 2.59 41.78
CA GLN D 24 27.41 3.18 41.82
C GLN D 24 27.19 4.60 41.35
N GLU D 25 27.26 5.55 42.29
CA GLU D 25 26.93 6.94 42.01
C GLU D 25 27.97 7.77 41.30
N THR D 26 29.22 7.30 41.33
CA THR D 26 30.31 7.96 40.59
C THR D 26 31.10 6.86 39.94
N ASP D 27 31.75 7.17 38.81
CA ASP D 27 32.47 6.18 38.05
C ASP D 27 33.48 5.35 38.83
N ASN D 28 34.13 5.99 39.78
CA ASN D 28 35.12 5.34 40.63
C ASN D 28 34.65 5.08 42.07
N GLY D 29 33.39 5.39 42.34
CA GLY D 29 32.84 5.22 43.69
C GLY D 29 32.55 3.79 44.10
N PRO D 30 32.22 3.61 45.36
CA PRO D 30 31.88 2.29 45.87
C PRO D 30 30.56 1.81 45.29
N VAL D 31 30.37 0.51 45.26
CA VAL D 31 29.16 -0.07 44.72
C VAL D 31 28.30 -0.58 45.88
N HIS D 32 27.03 -0.18 45.90
CA HIS D 32 26.11 -0.65 46.93
C HIS D 32 25.40 -1.86 46.40
N VAL D 33 25.43 -2.95 47.17
CA VAL D 33 24.81 -4.20 46.75
C VAL D 33 23.66 -4.57 47.64
N HIS D 34 22.51 -4.87 47.04
CA HIS D 34 21.34 -5.30 47.78
C HIS D 34 20.83 -6.57 47.15
N ALA D 35 20.54 -7.57 47.96
CA ALA D 35 20.04 -8.82 47.40
C ALA D 35 18.97 -9.43 48.25
N GLU D 36 18.07 -10.17 47.61
CA GLU D 36 16.97 -10.87 48.27
C GLU D 36 16.85 -12.22 47.65
N PHE D 37 16.68 -13.24 48.49
CA PHE D 37 16.55 -14.59 48.00
C PHE D 37 15.48 -15.33 48.72
N SER D 38 14.98 -16.40 48.09
CA SER D 38 14.00 -17.29 48.72
C SER D 38 14.39 -18.72 48.40
N GLY D 39 13.90 -19.68 49.21
CA GLY D 39 14.17 -21.09 49.00
C GLY D 39 15.50 -21.65 49.47
N LEU D 40 16.22 -20.89 50.29
CA LEU D 40 17.52 -21.29 50.80
C LEU D 40 17.49 -22.07 52.09
N LYS D 41 18.45 -22.97 52.24
CA LYS D 41 18.58 -23.72 53.46
C LYS D 41 19.08 -22.70 54.51
N ALA D 42 18.58 -22.79 55.75
CA ALA D 42 19.02 -21.86 56.78
C ALA D 42 20.52 -21.86 56.93
N GLY D 43 21.10 -20.67 57.05
CA GLY D 43 22.53 -20.55 57.22
C GLY D 43 23.22 -19.70 56.15
N LYS D 44 24.54 -19.78 56.11
CA LYS D 44 25.35 -18.99 55.18
C LYS D 44 25.53 -19.64 53.82
N HIS D 45 25.48 -18.80 52.79
CA HIS D 45 25.64 -19.26 51.40
C HIS D 45 26.62 -18.34 50.65
N GLY D 46 27.67 -18.93 50.08
CA GLY D 46 28.67 -18.15 49.32
C GLY D 46 28.01 -17.35 48.20
N PHE D 47 28.52 -16.15 47.98
CA PHE D 47 27.92 -15.22 47.02
C PHE D 47 29.04 -14.48 46.33
N HIS D 48 29.18 -14.70 45.02
CA HIS D 48 30.29 -14.06 44.29
C HIS D 48 29.93 -13.70 42.87
N VAL D 49 30.75 -12.84 42.30
CA VAL D 49 30.65 -12.51 40.89
C VAL D 49 31.59 -13.52 40.20
N HIS D 50 31.07 -14.24 39.21
CA HIS D 50 31.88 -15.17 38.43
C HIS D 50 32.22 -14.51 37.11
N GLU D 51 33.26 -15.00 36.46
CA GLU D 51 33.78 -14.38 35.27
C GLU D 51 32.84 -14.20 34.09
N PHE D 52 32.13 -15.25 33.72
CA PHE D 52 31.29 -15.18 32.51
C PHE D 52 29.83 -15.01 32.81
N GLY D 53 29.16 -14.26 31.93
CA GLY D 53 27.72 -14.06 32.06
C GLY D 53 26.97 -15.15 31.32
N ASP D 54 27.52 -16.37 31.35
CA ASP D 54 26.97 -17.52 30.66
C ASP D 54 26.30 -18.42 31.67
N THR D 55 24.96 -18.47 31.64
CA THR D 55 24.23 -19.29 32.60
C THR D 55 23.80 -20.63 32.09
N THR D 56 24.11 -20.93 30.83
CA THR D 56 23.72 -22.21 30.24
C THR D 56 24.33 -23.39 30.99
N ASN D 57 23.74 -24.57 30.80
CA ASN D 57 24.23 -25.74 31.46
C ASN D 57 24.16 -25.61 32.99
N GLY D 58 23.10 -24.99 33.50
CA GLY D 58 22.91 -24.85 34.93
C GLY D 58 24.05 -24.23 35.74
N CYS D 59 24.48 -23.04 35.32
CA CYS D 59 25.52 -22.29 36.01
C CYS D 59 26.92 -22.89 35.92
N THR D 60 27.05 -24.03 35.23
CA THR D 60 28.35 -24.72 35.12
C THR D 60 29.32 -24.05 34.18
N SER D 61 28.85 -23.04 33.45
CA SER D 61 29.71 -22.32 32.50
C SER D 61 30.00 -20.90 32.94
N ALA D 62 29.61 -20.54 34.15
CA ALA D 62 29.84 -19.18 34.65
C ALA D 62 31.30 -18.88 34.89
N GLY D 63 32.14 -19.93 34.92
CA GLY D 63 33.56 -19.73 35.14
C GLY D 63 33.93 -19.61 36.59
N ALA D 64 35.16 -19.22 36.85
CA ALA D 64 35.66 -19.06 38.25
C ALA D 64 35.27 -17.70 38.76
N HIS D 65 35.63 -17.41 39.99
CA HIS D 65 35.32 -16.08 40.54
C HIS D 65 36.02 -15.02 39.71
N PHE D 66 35.34 -13.90 39.47
CA PHE D 66 35.92 -12.83 38.69
C PHE D 66 37.17 -12.37 39.41
N ASN D 67 38.31 -12.42 38.69
CA ASN D 67 39.61 -12.18 39.36
C ASN D 67 40.62 -11.45 38.50
N PRO D 68 40.31 -10.20 38.12
CA PRO D 68 41.22 -9.43 37.27
C PRO D 68 42.52 -9.03 37.97
N THR D 69 42.53 -9.02 39.29
CA THR D 69 43.77 -8.66 40.01
C THR D 69 44.64 -9.87 40.30
N LYS D 70 44.21 -11.04 39.83
CA LYS D 70 44.96 -12.30 39.98
C LYS D 70 45.40 -12.59 41.42
N GLN D 71 44.43 -12.65 42.32
CA GLN D 71 44.70 -12.94 43.71
C GLN D 71 43.98 -14.20 44.12
N GLU D 72 44.26 -14.64 45.34
CA GLU D 72 43.58 -15.80 45.91
C GLU D 72 42.23 -15.38 46.50
N HIS D 73 41.39 -16.36 46.77
CA HIS D 73 40.06 -16.13 47.34
C HIS D 73 40.14 -15.61 48.78
N GLY D 74 39.28 -14.66 49.13
CA GLY D 74 39.25 -14.11 50.49
C GLY D 74 37.90 -13.55 50.86
N ALA D 75 37.86 -12.84 51.98
CA ALA D 75 36.65 -12.18 52.44
C ALA D 75 36.61 -10.80 51.80
N PRO D 76 35.42 -10.23 51.66
CA PRO D 76 35.27 -8.90 51.07
C PRO D 76 36.15 -7.86 51.77
N GLU D 77 36.29 -7.96 53.08
CA GLU D 77 37.10 -7.00 53.81
C GLU D 77 38.61 -7.21 53.70
N ASP D 78 39.03 -8.34 53.19
CA ASP D 78 40.46 -8.61 53.11
C ASP D 78 41.17 -7.82 52.01
N SER D 79 42.47 -7.59 52.20
CA SER D 79 43.28 -6.91 51.20
C SER D 79 43.53 -7.87 50.02
N ILE D 80 43.60 -9.18 50.33
CA ILE D 80 43.79 -10.24 49.35
C ILE D 80 42.44 -10.92 49.10
N ARG D 81 41.92 -10.76 47.91
CA ARG D 81 40.63 -11.38 47.56
C ARG D 81 40.39 -11.25 46.08
N HIS D 82 39.44 -12.02 45.59
CA HIS D 82 39.02 -11.87 44.22
C HIS D 82 38.10 -10.65 44.18
N VAL D 83 38.14 -9.91 43.07
CA VAL D 83 37.21 -8.79 42.92
C VAL D 83 35.78 -9.29 43.14
N GLY D 84 35.49 -10.50 42.66
CA GLY D 84 34.14 -11.03 42.82
C GLY D 84 33.73 -11.57 44.17
N ASP D 85 34.61 -11.45 45.19
CA ASP D 85 34.29 -12.03 46.50
C ASP D 85 33.39 -11.16 47.33
N LEU D 86 32.12 -11.56 47.44
CA LEU D 86 31.14 -10.82 48.21
C LEU D 86 30.68 -11.52 49.50
N GLY D 87 31.43 -12.55 49.90
CA GLY D 87 31.13 -13.23 51.16
C GLY D 87 29.96 -14.17 51.20
N ASN D 88 29.09 -13.98 52.19
CA ASN D 88 27.94 -14.86 52.38
C ASN D 88 26.62 -14.18 52.49
N VAL D 89 25.61 -14.86 51.97
CA VAL D 89 24.21 -14.43 52.11
C VAL D 89 23.70 -15.31 53.27
N VAL D 90 22.96 -14.71 54.21
CA VAL D 90 22.47 -15.46 55.36
C VAL D 90 20.98 -15.68 55.24
N ALA D 91 20.56 -16.94 55.22
CA ALA D 91 19.15 -17.26 55.11
C ALA D 91 18.59 -17.61 56.48
N GLY D 92 17.36 -17.20 56.70
CA GLY D 92 16.67 -17.50 57.96
C GLY D 92 15.99 -18.85 57.91
N ALA D 93 15.26 -19.19 58.98
CA ALA D 93 14.57 -20.46 59.04
C ALA D 93 13.51 -20.60 57.96
N ASP D 94 12.98 -19.48 57.48
CA ASP D 94 11.96 -19.49 56.44
C ASP D 94 12.54 -19.59 55.02
N GLY D 95 13.85 -19.70 54.93
CA GLY D 95 14.52 -19.81 53.62
C GLY D 95 14.74 -18.51 52.88
N ASN D 96 14.32 -17.41 53.46
CA ASN D 96 14.48 -16.10 52.84
C ASN D 96 15.74 -15.45 53.33
N ALA D 97 16.30 -14.55 52.52
CA ALA D 97 17.51 -13.86 52.91
C ALA D 97 17.56 -12.44 52.36
N VAL D 98 18.19 -11.55 53.12
CA VAL D 98 18.38 -10.18 52.71
C VAL D 98 19.85 -9.88 52.93
N TYR D 99 20.49 -9.29 51.93
CA TYR D 99 21.91 -8.96 51.98
C TYR D 99 22.13 -7.52 51.56
N ASN D 100 23.01 -6.83 52.28
CA ASN D 100 23.42 -5.48 51.98
C ASN D 100 24.91 -5.31 52.21
N ALA D 101 25.59 -4.71 51.25
CA ALA D 101 27.02 -4.44 51.38
C ALA D 101 27.45 -3.31 50.49
N THR D 102 28.54 -2.67 50.87
CA THR D 102 29.16 -1.60 50.07
C THR D 102 30.54 -2.16 49.73
N ASP D 103 30.85 -2.23 48.45
CA ASP D 103 32.13 -2.80 48.04
C ASP D 103 32.95 -1.83 47.20
N LYS D 104 34.25 -1.80 47.44
CA LYS D 104 35.15 -0.90 46.73
C LYS D 104 35.92 -1.54 45.59
N LEU D 105 35.83 -2.88 45.47
CA LEU D 105 36.55 -3.60 44.42
C LEU D 105 35.73 -3.83 43.15
N ILE D 106 34.49 -4.30 43.31
CA ILE D 106 33.64 -4.45 42.13
C ILE D 106 33.30 -3.05 41.62
N SER D 107 32.90 -2.99 40.37
CA SER D 107 32.51 -1.72 39.77
C SER D 107 31.50 -2.01 38.70
N LEU D 108 30.83 -0.96 38.23
CA LEU D 108 29.89 -1.12 37.13
C LEU D 108 30.54 -0.53 35.88
N ASN D 109 31.83 -0.15 35.99
CA ASN D 109 32.56 0.45 34.90
C ASN D 109 34.02 0.08 34.96
N GLY D 110 34.72 0.25 33.85
CA GLY D 110 36.14 -0.04 33.82
C GLY D 110 36.54 -1.49 33.86
N SER D 111 37.82 -1.74 34.17
CA SER D 111 38.34 -3.12 34.17
C SER D 111 37.72 -4.03 35.20
N HIS D 112 37.23 -3.44 36.29
CA HIS D 112 36.59 -4.23 37.36
C HIS D 112 35.07 -4.31 37.17
N SER D 113 34.58 -3.89 36.01
CA SER D 113 33.13 -3.95 35.76
C SER D 113 32.60 -5.35 35.80
N ILE D 114 31.46 -5.49 36.47
CA ILE D 114 30.76 -6.77 36.56
C ILE D 114 29.60 -6.85 35.57
N ILE D 115 29.42 -5.80 34.75
CA ILE D 115 28.33 -5.83 33.79
C ILE D 115 28.58 -6.95 32.81
N GLY D 116 27.56 -7.76 32.57
CA GLY D 116 27.70 -8.87 31.63
C GLY D 116 28.32 -10.12 32.23
N ARG D 117 28.61 -10.11 33.54
CA ARG D 117 29.18 -11.30 34.18
C ARG D 117 28.07 -12.00 34.95
N SER D 118 28.39 -12.96 35.80
CA SER D 118 27.35 -13.63 36.58
C SER D 118 27.46 -13.47 38.07
N MET D 119 26.30 -13.48 38.73
CA MET D 119 26.27 -13.55 40.18
C MET D 119 25.89 -15.01 40.44
N VAL D 120 26.52 -15.63 41.44
CA VAL D 120 26.22 -17.01 41.81
C VAL D 120 26.06 -17.11 43.30
N ILE D 121 25.06 -17.89 43.73
CA ILE D 121 24.83 -18.15 45.16
C ILE D 121 25.05 -19.67 45.34
N HIS D 122 25.81 -20.03 46.37
CA HIS D 122 26.19 -21.40 46.60
C HIS D 122 25.44 -22.18 47.66
N GLU D 123 25.59 -23.49 47.56
CA GLU D 123 24.94 -24.39 48.48
C GLU D 123 25.45 -24.28 49.93
N ASN D 124 26.74 -24.06 50.07
CA ASN D 124 27.36 -23.99 51.39
C ASN D 124 28.01 -22.65 51.72
N GLU D 125 28.44 -22.53 52.96
CA GLU D 125 29.10 -21.34 53.45
C GLU D 125 30.48 -21.11 52.77
N ASP D 126 30.74 -19.86 52.41
CA ASP D 126 32.04 -19.48 51.88
C ASP D 126 32.93 -19.31 53.12
N ASP D 127 33.98 -20.12 53.24
CA ASP D 127 34.87 -20.03 54.40
C ASP D 127 35.85 -18.85 54.35
N LEU D 128 35.70 -18.01 53.34
CA LEU D 128 36.50 -16.78 53.18
C LEU D 128 37.97 -17.03 53.00
N GLY D 129 38.34 -18.26 52.62
CA GLY D 129 39.74 -18.62 52.45
C GLY D 129 40.42 -18.95 53.77
N ARG D 130 39.62 -19.14 54.81
CA ARG D 130 40.16 -19.39 56.16
C ARG D 130 39.96 -20.81 56.64
N GLY D 131 39.31 -21.65 55.83
CA GLY D 131 38.97 -23.02 56.20
C GLY D 131 40.06 -24.06 56.21
N GLY D 132 41.19 -23.76 55.63
CA GLY D 132 42.29 -24.73 55.61
C GLY D 132 42.24 -25.78 54.50
N HIS D 133 41.24 -25.68 53.61
CA HIS D 133 41.12 -26.64 52.50
C HIS D 133 41.79 -26.05 51.26
N GLU D 134 42.18 -26.90 50.31
CA GLU D 134 42.76 -26.40 49.07
C GLU D 134 41.73 -25.49 48.38
N LEU D 135 40.47 -25.93 48.35
CA LEU D 135 39.40 -25.14 47.77
C LEU D 135 39.16 -23.84 48.50
N SER D 136 39.56 -23.76 49.76
CA SER D 136 39.35 -22.51 50.52
C SER D 136 39.92 -21.29 49.81
N LYS D 137 41.13 -21.41 49.27
CA LYS D 137 41.79 -20.29 48.60
C LYS D 137 41.39 -20.09 47.14
N VAL D 138 40.41 -20.88 46.67
CA VAL D 138 39.94 -20.75 45.29
C VAL D 138 38.44 -20.41 45.28
N THR D 139 37.65 -21.18 46.01
CA THR D 139 36.20 -20.98 46.04
C THR D 139 35.61 -20.73 47.41
N GLY D 140 36.44 -20.75 48.46
CA GLY D 140 35.93 -20.60 49.80
C GLY D 140 35.26 -21.91 50.21
N ASN D 141 35.44 -22.96 49.40
CA ASN D 141 34.86 -24.28 49.67
C ASN D 141 33.35 -24.13 49.86
N ALA D 142 32.73 -23.29 49.01
CA ALA D 142 31.29 -23.00 49.12
C ALA D 142 30.37 -23.99 48.46
N GLY D 143 30.92 -25.03 47.86
CA GLY D 143 30.08 -26.03 47.22
C GLY D 143 29.39 -25.62 45.93
N GLY D 144 28.34 -26.38 45.60
CA GLY D 144 27.62 -26.20 44.35
C GLY D 144 26.95 -24.87 44.10
N ARG D 145 26.64 -24.63 42.82
CA ARG D 145 26.01 -23.39 42.38
C ARG D 145 24.50 -23.56 42.37
N LEU D 146 23.81 -22.95 43.34
CA LEU D 146 22.35 -23.10 43.45
C LEU D 146 21.54 -22.29 42.47
N ALA D 147 21.99 -21.06 42.24
CA ALA D 147 21.29 -20.18 41.32
C ALA D 147 22.27 -19.18 40.78
N CYS D 148 21.97 -18.65 39.60
CA CYS D 148 22.87 -17.66 39.00
C CYS D 148 22.09 -16.80 38.02
N GLY D 149 22.73 -15.74 37.55
CA GLY D 149 22.10 -14.86 36.59
C GLY D 149 23.11 -13.91 36.01
N VAL D 150 22.84 -13.36 34.84
CA VAL D 150 23.76 -12.39 34.22
C VAL D 150 23.49 -10.98 34.77
N VAL D 151 24.54 -10.19 34.94
CA VAL D 151 24.42 -8.84 35.47
C VAL D 151 24.10 -7.86 34.34
N GLY D 152 22.91 -7.28 34.41
CA GLY D 152 22.50 -6.32 33.40
C GLY D 152 22.49 -4.86 33.83
N LEU D 153 22.61 -3.98 32.86
CA LEU D 153 22.54 -2.54 33.10
C LEU D 153 21.09 -2.22 33.45
N ALA D 154 20.92 -1.35 34.44
CA ALA D 154 19.58 -0.97 34.86
C ALA D 154 19.34 0.52 34.61
N ALA D 155 18.07 0.90 34.54
CA ALA D 155 17.68 2.30 34.34
C ALA D 155 18.18 3.13 35.53
N GLU D 156 18.58 4.36 35.26
CA GLU D 156 19.18 5.19 36.34
C GLU D 156 18.72 6.64 36.33
CU CU E . -10.43 -1.02 -29.70
CU CU E . -10.78 -0.37 -30.38
ZN ZN F . -12.51 -6.39 -28.01
CU CU G . -32.29 24.03 -35.00
CU CU G . -31.52 23.73 -34.72
ZN ZN H . -37.94 23.65 -32.81
CU CU I . 11.28 -4.65 20.74
CU CU I . 11.67 -5.51 21.07
ZN ZN J . 13.40 -0.45 17.07
CU CU K . 31.49 -18.46 43.76
CU CU K . 30.69 -18.28 43.49
ZN ZN L . 36.70 -15.87 45.29
#